data_1IT9
#
_entry.id   1IT9
#
_cell.length_a   54.365
_cell.length_b   82.746
_cell.length_c   104.934
_cell.angle_alpha   90.00
_cell.angle_beta   90.00
_cell.angle_gamma   90.00
#
_symmetry.space_group_name_H-M   'P 21 21 21'
#
loop_
_entity.id
_entity.type
_entity.pdbx_description
1 polymer 'HUMANIZED ANTIBODY HFE7A, LIGHT CHAIN'
2 polymer 'HUMANIZED ANTIBODY HFE7A, HEAVY CHAIN'
3 water water
#
loop_
_entity_poly.entity_id
_entity_poly.type
_entity_poly.pdbx_seq_one_letter_code
_entity_poly.pdbx_strand_id
1 'polypeptide(L)'
;EIVLTQSPGTLSLSPGERATLSCKASQSVDYDGDSYMNWYQQKPGQAPRLLIYAASNLESGIPDRFSGSGSGTDFTLTIS
RLEPEDFAVYYCQQSNEDPRTFGQGTKLEIKRTVAAPSVFIFPPSDEQLKSGTASVVCLLNNFYPREAKVQWKVDNALQS
GNSQESVTEQDSKDSTYSLSSTLTLSKADYEKHKVYACEVTHQGLSSPVTKSFN
;
L
2 'polypeptide(L)'
;QVQLVQSGAEVKKPGASVKVSCKASGYTFTSYWMQWVKQAPGQGLEWMGEIDPSDSYTNYNQKFKGKATLTVDTSTSTAY
MELSSLRSEDTAVYYCARNRDYSNNWYFDVWGEGTLVTVSSASTKGPSVFPLAPSSKSTSGGTAALGCLVKDYFPEPVTV
SWNSGALTSGVHTFPAVLQSSGLYSLSSVVTVPSSSLGTQTYICNVNHKPSNTKVDKKV
;
H
#
# COMPACT_ATOMS: atom_id res chain seq x y z
N GLU A 1 -5.17 25.87 -10.29
CA GLU A 1 -5.34 25.14 -9.00
C GLU A 1 -4.19 25.45 -8.06
N ILE A 2 -4.43 25.31 -6.76
CA ILE A 2 -3.40 25.55 -5.78
C ILE A 2 -2.61 24.26 -5.56
N VAL A 3 -1.30 24.34 -5.69
CA VAL A 3 -0.47 23.16 -5.54
C VAL A 3 0.29 23.06 -4.21
N LEU A 4 0.07 21.95 -3.51
CA LEU A 4 0.72 21.70 -2.23
C LEU A 4 1.93 20.80 -2.35
N THR A 5 3.05 21.25 -1.79
CA THR A 5 4.28 20.48 -1.83
C THR A 5 4.71 20.17 -0.41
N GLN A 6 4.78 18.89 -0.08
CA GLN A 6 5.18 18.48 1.26
C GLN A 6 6.60 17.94 1.19
N SER A 7 7.33 18.08 2.30
CA SER A 7 8.72 17.62 2.37
C SER A 7 9.08 17.43 3.83
N PRO A 8 9.95 16.46 4.13
CA PRO A 8 10.61 15.54 3.21
C PRO A 8 9.69 14.43 2.71
N GLY A 9 10.01 13.86 1.55
CA GLY A 9 9.19 12.78 1.02
C GLY A 9 9.03 11.73 2.11
N THR A 10 10.14 11.36 2.73
CA THR A 10 10.15 10.38 3.81
C THR A 10 10.88 11.02 4.98
N LEU A 11 10.57 10.58 6.20
CA LEU A 11 11.22 11.11 7.38
C LEU A 11 11.37 10.01 8.42
N SER A 12 12.61 9.58 8.68
CA SER A 12 12.85 8.53 9.66
C SER A 12 13.35 9.10 10.98
N LEU A 13 12.51 9.01 12.01
CA LEU A 13 12.86 9.50 13.32
C LEU A 13 12.63 8.35 14.28
N SER A 14 13.10 8.49 15.51
CA SER A 14 12.92 7.44 16.50
C SER A 14 11.84 7.80 17.51
N PRO A 15 11.22 6.79 18.14
CA PRO A 15 10.18 7.09 19.11
C PRO A 15 10.69 8.11 20.12
N GLY A 16 9.83 9.02 20.54
CA GLY A 16 10.24 10.02 21.50
C GLY A 16 10.77 11.28 20.86
N GLU A 17 11.14 11.20 19.59
CA GLU A 17 11.67 12.37 18.89
C GLU A 17 10.61 13.38 18.47
N ARG A 18 11.05 14.58 18.15
CA ARG A 18 10.17 15.64 17.72
C ARG A 18 10.22 15.75 16.20
N ALA A 19 9.05 15.70 15.57
CA ALA A 19 8.98 15.80 14.12
C ALA A 19 8.40 17.12 13.68
N THR A 20 8.77 17.55 12.49
CA THR A 20 8.31 18.80 11.94
C THR A 20 8.23 18.69 10.43
N LEU A 21 7.00 18.54 9.93
CA LEU A 21 6.77 18.42 8.49
C LEU A 21 6.12 19.68 7.94
N SER A 22 6.57 20.11 6.77
CA SER A 22 6.04 21.33 6.18
C SER A 22 5.26 21.12 4.89
N CYS A 23 4.29 22.01 4.68
CA CYS A 23 3.45 21.99 3.51
C CYS A 23 3.50 23.39 2.87
N LYS A 24 3.92 23.46 1.62
CA LYS A 24 4.02 24.74 0.92
C LYS A 24 2.98 24.86 -0.18
N ALA A 25 2.37 26.03 -0.27
CA ALA A 25 1.34 26.30 -1.28
C ALA A 25 1.90 27.21 -2.36
N SER A 26 1.54 26.93 -3.61
CA SER A 26 2.01 27.73 -4.73
C SER A 26 1.37 29.12 -4.70
N GLN A 27 0.47 29.33 -3.74
CA GLN A 27 -0.22 30.62 -3.59
C GLN A 27 -0.86 30.68 -2.20
N SER A 28 -1.11 31.91 -1.73
CA SER A 28 -1.69 32.11 -0.41
C SER A 28 -3.06 31.49 -0.24
N VAL A 29 -3.27 30.83 0.89
CA VAL A 29 -4.55 30.17 1.21
C VAL A 29 -5.08 30.76 2.51
N ASP A 30 -4.98 32.08 2.64
CA ASP A 30 -5.42 32.81 3.85
C ASP A 30 -6.39 33.97 3.60
N TYR A 31 -6.58 34.77 4.64
CA TYR A 31 -7.43 35.96 4.62
C TYR A 31 -7.79 36.43 6.03
N ASP A 32 -7.23 37.56 6.45
CA ASP A 32 -7.49 38.12 7.78
C ASP A 32 -7.47 37.06 8.89
N GLY A 33 -6.33 36.42 9.06
CA GLY A 33 -6.22 35.41 10.09
C GLY A 33 -7.11 34.19 9.90
N ASP A 34 -7.81 34.13 8.76
CA ASP A 34 -8.67 33.00 8.43
C ASP A 34 -7.90 32.08 7.49
N SER A 35 -7.65 30.84 7.92
CA SER A 35 -6.89 29.88 7.13
C SER A 35 -7.69 28.73 6.53
N TYR A 36 -7.18 28.20 5.41
CA TYR A 36 -7.84 27.09 4.73
C TYR A 36 -6.95 25.87 4.53
N MET A 37 -6.15 25.53 5.53
CA MET A 37 -5.27 24.37 5.44
C MET A 37 -5.55 23.32 6.49
N ASN A 38 -5.76 22.08 6.07
CA ASN A 38 -6.03 21.00 7.01
C ASN A 38 -5.01 19.89 6.84
N TRP A 39 -4.90 19.06 7.87
CA TRP A 39 -3.97 17.94 7.85
C TRP A 39 -4.72 16.66 8.15
N TYR A 40 -4.29 15.57 7.50
CA TYR A 40 -4.89 14.28 7.71
C TYR A 40 -3.79 13.29 7.93
N GLN A 41 -4.15 12.19 8.58
CA GLN A 41 -3.22 11.13 8.86
C GLN A 41 -3.78 9.85 8.26
N GLN A 42 -2.93 9.06 7.63
CA GLN A 42 -3.40 7.81 7.06
C GLN A 42 -2.45 6.64 7.29
N LYS A 43 -2.97 5.61 7.94
CA LYS A 43 -2.23 4.40 8.25
C LYS A 43 -2.46 3.40 7.13
N PRO A 44 -1.53 2.46 6.95
CA PRO A 44 -1.65 1.43 5.90
C PRO A 44 -3.02 0.78 5.85
N GLY A 45 -3.58 0.72 4.65
CA GLY A 45 -4.89 0.10 4.46
C GLY A 45 -5.95 0.69 5.38
N GLN A 46 -5.96 2.01 5.51
CA GLN A 46 -6.93 2.68 6.37
C GLN A 46 -7.33 4.04 5.81
N ALA A 47 -8.52 4.48 6.18
CA ALA A 47 -9.05 5.76 5.73
C ALA A 47 -8.37 6.94 6.41
N PRO A 48 -8.19 8.05 5.68
CA PRO A 48 -7.54 9.20 6.31
C PRO A 48 -8.26 9.58 7.60
N ARG A 49 -7.59 10.31 8.46
CA ARG A 49 -8.15 10.74 9.73
C ARG A 49 -7.84 12.21 9.85
N LEU A 50 -8.87 13.01 10.11
CA LEU A 50 -8.69 14.45 10.26
C LEU A 50 -7.88 14.71 11.52
N LEU A 51 -6.85 15.53 11.39
CA LEU A 51 -5.96 15.87 12.51
C LEU A 51 -6.22 17.31 12.93
N ILE A 52 -5.91 18.22 12.00
CA ILE A 52 -6.03 19.65 12.20
C ILE A 52 -6.84 20.31 11.09
N TYR A 53 -7.59 21.34 11.43
CA TYR A 53 -8.35 22.09 10.44
C TYR A 53 -8.13 23.59 10.65
N ALA A 54 -8.31 24.38 9.59
CA ALA A 54 -8.11 25.83 9.66
C ALA A 54 -6.70 26.14 10.15
N ALA A 55 -5.74 25.37 9.65
CA ALA A 55 -4.33 25.54 9.97
C ALA A 55 -3.85 25.28 11.40
N SER A 56 -4.71 25.44 12.39
CA SER A 56 -4.25 25.24 13.76
C SER A 56 -5.26 24.74 14.77
N ASN A 57 -6.40 24.25 14.30
CA ASN A 57 -7.41 23.77 15.22
C ASN A 57 -7.41 22.27 15.38
N LEU A 58 -7.13 21.81 16.58
CA LEU A 58 -7.11 20.39 16.88
C LEU A 58 -8.50 19.80 16.73
N GLU A 59 -8.57 18.57 16.24
CA GLU A 59 -9.85 17.88 16.10
C GLU A 59 -10.02 17.06 17.37
N SER A 60 -11.24 16.72 17.73
CA SER A 60 -11.47 15.94 18.94
C SER A 60 -10.72 14.61 18.91
N GLY A 61 -10.07 14.27 20.01
CA GLY A 61 -9.33 13.01 20.07
C GLY A 61 -7.88 13.09 19.62
N ILE A 62 -7.48 14.28 19.16
CA ILE A 62 -6.11 14.50 18.70
C ILE A 62 -5.31 15.01 19.90
N PRO A 63 -4.28 14.25 20.33
CA PRO A 63 -3.42 14.60 21.47
C PRO A 63 -2.89 16.01 21.43
N ASP A 64 -2.34 16.45 22.56
CA ASP A 64 -1.80 17.78 22.65
C ASP A 64 -0.39 17.93 22.09
N ARG A 65 0.25 16.80 21.77
CA ARG A 65 1.61 16.85 21.19
C ARG A 65 1.59 17.35 19.76
N PHE A 66 0.41 17.33 19.14
CA PHE A 66 0.25 17.81 17.78
C PHE A 66 -0.07 19.31 17.78
N SER A 67 0.44 20.02 16.78
CA SER A 67 0.20 21.45 16.65
C SER A 67 0.51 21.88 15.22
N GLY A 68 -0.34 22.73 14.66
CA GLY A 68 -0.14 23.20 13.31
C GLY A 68 0.01 24.70 13.29
N SER A 69 0.98 25.16 12.52
CA SER A 69 1.28 26.58 12.38
C SER A 69 1.28 26.92 10.89
N GLY A 70 1.69 28.13 10.56
CA GLY A 70 1.75 28.52 9.16
C GLY A 70 0.96 29.76 8.81
N SER A 71 1.30 30.36 7.67
CA SER A 71 0.65 31.57 7.20
C SER A 71 0.91 31.74 5.71
N GLY A 72 -0.07 32.31 5.02
CA GLY A 72 0.07 32.55 3.60
C GLY A 72 0.28 31.32 2.74
N THR A 73 1.54 30.92 2.58
CA THR A 73 1.84 29.76 1.77
C THR A 73 2.70 28.72 2.47
N ASP A 74 3.24 29.08 3.63
CA ASP A 74 4.07 28.14 4.38
C ASP A 74 3.38 27.71 5.65
N PHE A 75 3.20 26.41 5.78
CA PHE A 75 2.55 25.82 6.94
C PHE A 75 3.35 24.61 7.41
N THR A 76 3.26 24.31 8.70
CA THR A 76 3.97 23.20 9.27
C THR A 76 3.20 22.51 10.40
N LEU A 77 3.29 21.18 10.44
CA LEU A 77 2.66 20.39 11.49
C LEU A 77 3.83 19.89 12.32
N THR A 78 3.67 19.90 13.63
CA THR A 78 4.75 19.45 14.50
C THR A 78 4.24 18.47 15.53
N ILE A 79 5.09 17.51 15.86
CA ILE A 79 4.78 16.51 16.85
C ILE A 79 5.92 16.56 17.85
N SER A 80 5.65 17.17 19.00
CA SER A 80 6.65 17.32 20.04
C SER A 80 7.41 16.02 20.32
N ARG A 81 6.66 14.94 20.49
CA ARG A 81 7.25 13.64 20.78
C ARG A 81 6.51 12.60 19.98
N LEU A 82 7.25 11.73 19.29
CA LEU A 82 6.63 10.71 18.45
C LEU A 82 6.27 9.44 19.22
N GLU A 83 4.97 9.16 19.32
CA GLU A 83 4.46 7.98 20.01
C GLU A 83 4.21 6.88 18.97
N PRO A 84 4.28 5.60 19.38
CA PRO A 84 4.07 4.48 18.44
C PRO A 84 2.91 4.66 17.46
N GLU A 85 1.82 5.27 17.91
CA GLU A 85 0.66 5.46 17.05
C GLU A 85 0.81 6.60 16.08
N ASP A 86 1.87 7.38 16.22
CA ASP A 86 2.09 8.54 15.35
C ASP A 86 2.75 8.19 14.03
N PHE A 87 3.39 7.01 13.96
CA PHE A 87 4.06 6.63 12.71
C PHE A 87 3.04 6.25 11.65
N ALA A 88 2.99 7.07 10.61
CA ALA A 88 2.08 6.89 9.47
C ALA A 88 2.35 7.92 8.39
N VAL A 89 1.36 8.20 7.56
CA VAL A 89 1.51 9.18 6.49
C VAL A 89 0.65 10.40 6.78
N TYR A 90 1.21 11.58 6.54
CA TYR A 90 0.49 12.82 6.78
C TYR A 90 0.23 13.58 5.51
N TYR A 91 -0.98 14.12 5.42
CA TYR A 91 -1.38 14.88 4.24
C TYR A 91 -1.89 16.24 4.62
N CYS A 92 -1.41 17.26 3.93
CA CYS A 92 -1.89 18.60 4.19
C CYS A 92 -2.89 18.83 3.06
N GLN A 93 -3.89 19.66 3.30
CA GLN A 93 -4.88 19.88 2.27
C GLN A 93 -5.41 21.30 2.29
N GLN A 94 -5.65 21.82 1.11
CA GLN A 94 -6.15 23.17 0.97
C GLN A 94 -7.64 23.14 0.61
N SER A 95 -8.36 24.19 1.02
CA SER A 95 -9.79 24.29 0.73
C SER A 95 -10.08 25.76 0.43
N ASN A 96 -9.08 26.44 -0.11
CA ASN A 96 -9.23 27.85 -0.44
C ASN A 96 -9.78 28.11 -1.83
N GLU A 97 -9.41 27.25 -2.78
CA GLU A 97 -9.86 27.38 -4.15
C GLU A 97 -10.26 26.03 -4.69
N ASP A 98 -11.22 26.02 -5.60
CA ASP A 98 -11.64 24.78 -6.22
C ASP A 98 -10.79 24.64 -7.47
N PRO A 99 -10.34 23.42 -7.78
CA PRO A 99 -10.59 22.20 -7.01
C PRO A 99 -9.73 22.15 -5.76
N ARG A 100 -10.21 21.44 -4.76
CA ARG A 100 -9.46 21.29 -3.53
C ARG A 100 -8.35 20.31 -3.88
N THR A 101 -7.14 20.60 -3.42
CA THR A 101 -6.03 19.73 -3.71
C THR A 101 -5.36 19.27 -2.44
N PHE A 102 -4.76 18.08 -2.50
CA PHE A 102 -4.05 17.52 -1.37
C PHE A 102 -2.55 17.61 -1.63
N GLY A 103 -1.77 17.13 -0.67
CA GLY A 103 -0.35 17.14 -0.82
C GLY A 103 0.09 15.75 -1.18
N GLN A 104 1.34 15.63 -1.60
CA GLN A 104 1.91 14.34 -1.99
C GLN A 104 2.05 13.39 -0.80
N GLY A 105 2.14 13.93 0.41
CA GLY A 105 2.28 13.09 1.59
C GLY A 105 3.70 13.04 2.16
N THR A 106 3.83 12.75 3.44
CA THR A 106 5.14 12.65 4.09
C THR A 106 5.11 11.43 5.00
N LYS A 107 5.90 10.42 4.67
CA LYS A 107 5.92 9.20 5.47
C LYS A 107 6.88 9.26 6.64
N LEU A 108 6.34 9.19 7.85
CA LEU A 108 7.17 9.19 9.04
C LEU A 108 7.49 7.74 9.31
N GLU A 109 8.77 7.41 9.21
CA GLU A 109 9.24 6.05 9.40
C GLU A 109 10.01 5.89 10.70
N ILE A 110 10.07 4.67 11.22
CA ILE A 110 10.79 4.43 12.45
C ILE A 110 12.28 4.21 12.20
N LYS A 111 13.07 5.25 12.48
CA LYS A 111 14.51 5.18 12.29
C LYS A 111 15.15 4.27 13.33
N ARG A 112 15.98 3.33 12.87
CA ARG A 112 16.66 2.40 13.75
C ARG A 112 18.11 2.25 13.40
N THR A 113 18.69 1.11 13.80
CA THR A 113 20.08 0.86 13.53
C THR A 113 20.35 0.00 12.26
N VAL A 114 21.21 0.46 11.37
CA VAL A 114 21.54 -0.31 10.16
C VAL A 114 21.63 -1.81 10.44
N ALA A 115 21.10 -2.60 9.51
CA ALA A 115 21.11 -4.03 9.63
C ALA A 115 21.36 -4.63 8.28
N ALA A 116 22.42 -5.45 8.18
CA ALA A 116 22.76 -6.08 6.94
C ALA A 116 21.70 -7.12 6.62
N PRO A 117 21.17 -7.11 5.39
CA PRO A 117 20.13 -8.04 4.97
C PRO A 117 20.62 -9.46 4.74
N SER A 118 19.83 -10.43 5.17
CA SER A 118 20.16 -11.84 4.99
C SER A 118 19.68 -12.19 3.58
N VAL A 119 20.61 -12.51 2.69
CA VAL A 119 20.27 -12.83 1.32
C VAL A 119 20.07 -14.33 1.07
N PHE A 120 19.11 -14.65 0.21
CA PHE A 120 18.81 -16.03 -0.14
C PHE A 120 18.35 -16.09 -1.59
N ILE A 121 18.60 -17.24 -2.23
CA ILE A 121 18.21 -17.44 -3.63
C ILE A 121 17.49 -18.78 -3.73
N PHE A 122 16.62 -18.92 -4.71
CA PHE A 122 15.88 -20.16 -4.88
C PHE A 122 15.73 -20.57 -6.33
N PRO A 123 16.16 -21.79 -6.67
CA PRO A 123 16.04 -22.25 -8.06
C PRO A 123 14.60 -22.68 -8.34
N PRO A 124 14.18 -22.61 -9.62
CA PRO A 124 12.81 -22.99 -9.99
C PRO A 124 12.41 -24.40 -9.57
N SER A 125 11.28 -24.52 -8.88
CA SER A 125 10.80 -25.81 -8.44
C SER A 125 10.59 -26.68 -9.68
N ASP A 126 10.24 -27.95 -9.50
CA ASP A 126 10.04 -28.82 -10.64
C ASP A 126 8.68 -28.67 -11.29
N GLU A 127 7.61 -28.66 -10.49
CA GLU A 127 6.27 -28.52 -11.05
C GLU A 127 6.20 -27.29 -11.96
N GLN A 128 6.87 -26.22 -11.54
CA GLN A 128 6.89 -24.98 -12.32
C GLN A 128 7.63 -25.19 -13.63
N LEU A 129 8.72 -25.95 -13.57
CA LEU A 129 9.51 -26.23 -14.76
C LEU A 129 8.74 -27.14 -15.71
N LYS A 130 7.56 -27.53 -15.26
CA LYS A 130 6.66 -28.38 -16.04
C LYS A 130 5.69 -27.48 -16.79
N SER A 131 5.14 -26.51 -16.07
CA SER A 131 4.18 -25.57 -16.65
C SER A 131 4.83 -24.77 -17.77
N GLY A 132 6.16 -24.86 -17.87
CA GLY A 132 6.87 -24.15 -18.92
C GLY A 132 7.52 -22.83 -18.55
N THR A 133 7.40 -22.43 -17.29
CA THR A 133 7.98 -21.18 -16.85
C THR A 133 8.95 -21.41 -15.69
N ALA A 134 9.79 -20.41 -15.42
CA ALA A 134 10.76 -20.51 -14.34
C ALA A 134 10.90 -19.18 -13.61
N SER A 135 10.71 -19.22 -12.29
CA SER A 135 10.81 -18.02 -11.45
C SER A 135 11.85 -18.21 -10.35
N VAL A 136 12.94 -17.44 -10.44
CA VAL A 136 14.02 -17.50 -9.46
C VAL A 136 13.88 -16.38 -8.43
N VAL A 137 13.66 -16.75 -7.17
CA VAL A 137 13.51 -15.78 -6.10
C VAL A 137 14.76 -15.57 -5.26
N CYS A 138 15.04 -14.30 -4.96
CA CYS A 138 16.19 -13.94 -4.14
C CYS A 138 15.68 -13.12 -2.96
N LEU A 139 15.66 -13.74 -1.79
CA LEU A 139 15.18 -13.10 -0.58
C LEU A 139 16.18 -12.09 0.00
N LEU A 140 15.64 -11.17 0.79
CA LEU A 140 16.43 -10.14 1.46
C LEU A 140 15.78 -9.87 2.80
N ASN A 141 16.13 -10.69 3.79
CA ASN A 141 15.55 -10.60 5.13
C ASN A 141 15.96 -9.42 5.99
N ASN A 142 15.08 -9.11 6.95
CA ASN A 142 15.25 -8.05 7.92
C ASN A 142 16.45 -7.14 7.75
N PHE A 143 16.28 -6.05 7.00
CA PHE A 143 17.36 -5.10 6.77
C PHE A 143 16.86 -3.67 6.90
N TYR A 144 17.79 -2.77 7.16
CA TYR A 144 17.47 -1.35 7.31
C TYR A 144 18.66 -0.53 6.85
N PRO A 145 18.43 0.56 6.12
CA PRO A 145 17.14 1.10 5.65
C PRO A 145 16.39 0.21 4.65
N ARG A 146 15.51 0.83 3.87
CA ARG A 146 14.72 0.13 2.87
C ARG A 146 15.50 0.14 1.56
N GLU A 147 16.40 1.12 1.45
CA GLU A 147 17.21 1.28 0.25
C GLU A 147 18.23 0.17 0.07
N ALA A 148 18.05 -0.60 -1.00
CA ALA A 148 18.93 -1.71 -1.34
C ALA A 148 18.91 -1.85 -2.85
N LYS A 149 19.62 -2.84 -3.39
CA LYS A 149 19.65 -3.03 -4.82
C LYS A 149 20.07 -4.44 -5.22
N VAL A 150 19.13 -5.17 -5.82
CA VAL A 150 19.39 -6.53 -6.26
C VAL A 150 19.75 -6.54 -7.75
N GLN A 151 20.79 -7.30 -8.08
CA GLN A 151 21.24 -7.39 -9.48
C GLN A 151 21.26 -8.85 -9.92
N TRP A 152 20.46 -9.15 -10.93
CA TRP A 152 20.39 -10.51 -11.46
C TRP A 152 21.46 -10.69 -12.54
N LYS A 153 22.26 -11.73 -12.37
CA LYS A 153 23.33 -12.02 -13.32
C LYS A 153 23.28 -13.46 -13.83
N VAL A 154 22.82 -13.62 -15.06
CA VAL A 154 22.74 -14.93 -15.68
C VAL A 154 24.04 -15.16 -16.44
N ASP A 155 24.69 -16.29 -16.19
CA ASP A 155 25.95 -16.59 -16.86
C ASP A 155 26.89 -15.40 -16.74
N ASN A 156 27.15 -14.99 -15.50
CA ASN A 156 28.04 -13.86 -15.21
C ASN A 156 27.55 -12.52 -15.73
N ALA A 157 28.50 -11.70 -16.18
CA ALA A 157 28.25 -10.36 -16.70
C ALA A 157 26.87 -10.14 -17.31
N LEU A 158 26.30 -11.18 -17.90
CA LEU A 158 24.98 -11.08 -18.51
C LEU A 158 23.92 -10.81 -17.45
N GLN A 159 23.84 -9.57 -16.99
CA GLN A 159 22.86 -9.17 -16.00
C GLN A 159 21.60 -8.71 -16.73
N SER A 160 20.48 -9.37 -16.46
CA SER A 160 19.22 -9.06 -17.11
C SER A 160 18.44 -7.89 -16.51
N GLY A 161 17.17 -7.80 -16.91
CA GLY A 161 16.29 -6.76 -16.43
C GLY A 161 14.84 -7.17 -16.59
N ASN A 162 14.53 -8.38 -16.11
CA ASN A 162 13.18 -8.92 -16.20
C ASN A 162 12.78 -9.52 -14.86
N SER A 163 12.74 -8.68 -13.83
CA SER A 163 12.36 -9.14 -12.50
C SER A 163 11.27 -8.24 -11.94
N GLN A 164 10.69 -8.67 -10.82
CA GLN A 164 9.63 -7.92 -10.16
C GLN A 164 9.91 -7.85 -8.67
N GLU A 165 10.03 -6.63 -8.14
CA GLU A 165 10.34 -6.40 -6.74
C GLU A 165 9.11 -6.30 -5.84
N SER A 166 9.29 -6.69 -4.58
CA SER A 166 8.23 -6.63 -3.60
C SER A 166 8.81 -6.43 -2.21
N VAL A 167 8.65 -5.23 -1.66
CA VAL A 167 9.15 -4.92 -0.33
C VAL A 167 8.06 -5.04 0.72
N THR A 168 8.45 -5.48 1.91
CA THR A 168 7.50 -5.64 3.01
C THR A 168 7.45 -4.37 3.83
N GLU A 169 6.36 -4.18 4.56
CA GLU A 169 6.22 -2.99 5.41
C GLU A 169 7.15 -3.12 6.60
N GLN A 170 7.29 -2.04 7.37
CA GLN A 170 8.15 -2.05 8.54
C GLN A 170 7.59 -3.03 9.54
N ASP A 171 8.46 -3.85 10.14
CA ASP A 171 8.00 -4.84 11.10
C ASP A 171 7.41 -4.22 12.36
N SER A 172 6.41 -4.88 12.91
CA SER A 172 5.73 -4.39 14.10
C SER A 172 6.51 -4.67 15.39
N LYS A 173 7.80 -4.92 15.26
CA LYS A 173 8.62 -5.17 16.44
C LYS A 173 10.09 -4.81 16.28
N ASP A 174 10.68 -5.11 15.11
CA ASP A 174 12.08 -4.77 14.90
C ASP A 174 12.26 -3.79 13.75
N SER A 175 11.16 -3.16 13.36
CA SER A 175 11.15 -2.17 12.29
C SER A 175 12.07 -2.47 11.11
N THR A 176 12.13 -3.72 10.68
CA THR A 176 12.98 -4.06 9.55
C THR A 176 12.18 -4.24 8.28
N TYR A 177 12.89 -4.49 7.18
CA TYR A 177 12.26 -4.68 5.89
C TYR A 177 12.73 -5.97 5.23
N SER A 178 11.93 -6.43 4.27
CA SER A 178 12.24 -7.64 3.53
C SER A 178 11.90 -7.37 2.08
N LEU A 179 12.80 -7.75 1.18
CA LEU A 179 12.58 -7.54 -0.25
C LEU A 179 12.84 -8.81 -1.02
N SER A 180 12.03 -9.04 -2.06
CA SER A 180 12.19 -10.23 -2.86
C SER A 180 12.01 -9.90 -4.34
N SER A 181 13.08 -10.08 -5.10
CA SER A 181 13.02 -9.83 -6.52
C SER A 181 12.81 -11.19 -7.17
N THR A 182 12.08 -11.21 -8.28
CA THR A 182 11.83 -12.47 -8.95
C THR A 182 12.08 -12.37 -10.45
N LEU A 183 12.95 -13.26 -10.92
CA LEU A 183 13.31 -13.32 -12.33
C LEU A 183 12.53 -14.43 -12.99
N THR A 184 11.64 -14.08 -13.92
CA THR A 184 10.84 -15.07 -14.62
C THR A 184 11.26 -15.25 -16.07
N LEU A 185 11.53 -16.48 -16.45
CA LEU A 185 11.96 -16.79 -17.81
C LEU A 185 11.47 -18.18 -18.23
N SER A 186 11.07 -18.29 -19.49
CA SER A 186 10.58 -19.54 -20.04
C SER A 186 11.52 -20.71 -19.74
N LYS A 187 10.93 -21.89 -19.53
CA LYS A 187 11.71 -23.09 -19.24
C LYS A 187 12.91 -23.21 -20.17
N ALA A 188 12.65 -23.05 -21.47
CA ALA A 188 13.70 -23.13 -22.48
C ALA A 188 14.79 -22.11 -22.20
N ASP A 189 14.40 -20.87 -21.95
CA ASP A 189 15.35 -19.81 -21.65
C ASP A 189 16.12 -20.15 -20.38
N TYR A 190 15.47 -20.90 -19.50
CA TYR A 190 16.08 -21.34 -18.25
C TYR A 190 17.12 -22.39 -18.59
N GLU A 191 16.68 -23.43 -19.29
CA GLU A 191 17.55 -24.52 -19.69
C GLU A 191 18.34 -24.03 -20.91
N LYS A 192 19.25 -23.10 -20.66
CA LYS A 192 20.09 -22.51 -21.71
C LYS A 192 21.29 -21.88 -21.03
N HIS A 193 21.17 -21.64 -19.73
CA HIS A 193 22.23 -21.05 -18.94
C HIS A 193 22.47 -21.93 -17.71
N LYS A 194 23.53 -21.64 -16.95
CA LYS A 194 23.83 -22.45 -15.78
C LYS A 194 23.98 -21.69 -14.46
N VAL A 195 24.68 -20.57 -14.50
CA VAL A 195 24.89 -19.77 -13.29
C VAL A 195 23.89 -18.62 -13.14
N TYR A 196 23.12 -18.66 -12.06
CA TYR A 196 22.13 -17.64 -11.77
C TYR A 196 22.43 -17.03 -10.39
N ALA A 197 22.93 -15.80 -10.39
CA ALA A 197 23.25 -15.14 -9.13
C ALA A 197 22.47 -13.86 -8.93
N CYS A 198 22.25 -13.51 -7.67
CA CYS A 198 21.52 -12.30 -7.30
C CYS A 198 22.45 -11.44 -6.43
N GLU A 199 22.96 -10.38 -7.02
CA GLU A 199 23.88 -9.47 -6.34
C GLU A 199 23.16 -8.38 -5.56
N VAL A 200 23.39 -8.36 -4.25
CA VAL A 200 22.75 -7.37 -3.38
C VAL A 200 23.70 -6.24 -3.01
N THR A 201 23.14 -5.05 -2.80
CA THR A 201 23.91 -3.88 -2.44
C THR A 201 23.24 -3.17 -1.26
N HIS A 202 23.87 -3.23 -0.10
CA HIS A 202 23.31 -2.59 1.09
C HIS A 202 24.34 -1.90 1.95
N GLN A 203 23.93 -0.79 2.58
CA GLN A 203 24.80 -0.02 3.45
C GLN A 203 25.35 -0.93 4.53
N GLY A 204 24.50 -1.80 5.06
CA GLY A 204 24.92 -2.71 6.11
C GLY A 204 25.93 -3.72 5.62
N LEU A 205 26.05 -3.86 4.31
CA LEU A 205 26.98 -4.80 3.72
C LEU A 205 28.33 -4.15 3.44
N SER A 206 29.39 -4.75 3.96
CA SER A 206 30.74 -4.22 3.75
C SER A 206 31.00 -4.17 2.25
N SER A 207 30.61 -5.24 1.57
CA SER A 207 30.78 -5.34 0.13
C SER A 207 29.59 -6.09 -0.46
N PRO A 208 29.17 -5.71 -1.68
CA PRO A 208 28.04 -6.35 -2.35
C PRO A 208 28.07 -7.87 -2.23
N VAL A 209 26.98 -8.43 -1.73
CA VAL A 209 26.88 -9.88 -1.57
C VAL A 209 26.34 -10.49 -2.86
N THR A 210 26.47 -11.80 -2.99
CA THR A 210 25.99 -12.52 -4.16
C THR A 210 25.58 -13.92 -3.76
N LYS A 211 24.52 -14.42 -4.37
CA LYS A 211 24.02 -15.76 -4.09
C LYS A 211 23.66 -16.44 -5.40
N SER A 212 24.48 -17.41 -5.78
CA SER A 212 24.26 -18.13 -7.03
C SER A 212 24.12 -19.64 -6.85
N PHE A 213 23.54 -20.28 -7.86
CA PHE A 213 23.36 -21.73 -7.88
C PHE A 213 23.64 -22.19 -9.30
N ASN A 214 23.61 -23.50 -9.53
CA ASN A 214 23.89 -24.03 -10.86
C ASN A 214 22.80 -24.96 -11.37
N GLN B 1 -22.92 5.51 16.88
CA GLN B 1 -22.40 6.90 16.72
C GLN B 1 -22.49 7.33 15.25
N VAL B 2 -21.82 8.42 14.90
CA VAL B 2 -21.84 8.88 13.52
C VAL B 2 -20.83 8.09 12.72
N GLN B 3 -21.22 7.64 11.54
CA GLN B 3 -20.32 6.86 10.69
C GLN B 3 -20.90 6.73 9.30
N LEU B 4 -20.04 6.38 8.35
CA LEU B 4 -20.44 6.21 6.97
C LEU B 4 -20.10 4.79 6.52
N VAL B 5 -21.02 4.14 5.81
CA VAL B 5 -20.85 2.76 5.34
C VAL B 5 -20.82 2.67 3.81
N GLN B 6 -19.70 2.17 3.27
CA GLN B 6 -19.56 2.05 1.82
C GLN B 6 -19.73 0.60 1.36
N SER B 7 -20.22 0.43 0.12
CA SER B 7 -20.44 -0.89 -0.44
C SER B 7 -19.10 -1.63 -0.58
N GLY B 8 -19.16 -2.94 -0.80
CA GLY B 8 -17.95 -3.74 -0.93
C GLY B 8 -17.14 -3.54 -2.18
N ALA B 9 -15.88 -4.01 -2.15
CA ALA B 9 -14.98 -3.90 -3.29
C ALA B 9 -15.59 -4.59 -4.49
N GLU B 10 -15.27 -4.11 -5.68
CA GLU B 10 -15.82 -4.70 -6.89
C GLU B 10 -14.78 -4.81 -7.99
N VAL B 11 -15.01 -5.78 -8.88
CA VAL B 11 -14.15 -6.04 -10.01
C VAL B 11 -15.04 -5.86 -11.23
N LYS B 12 -14.60 -5.07 -12.21
CA LYS B 12 -15.40 -4.84 -13.41
C LYS B 12 -14.50 -4.76 -14.64
N LYS B 13 -15.02 -5.23 -15.77
CA LYS B 13 -14.25 -5.20 -17.02
C LYS B 13 -14.20 -3.79 -17.56
N PRO B 14 -13.13 -3.45 -18.30
CA PRO B 14 -12.99 -2.10 -18.87
C PRO B 14 -14.20 -1.73 -19.71
N GLY B 15 -14.42 -0.44 -19.90
CA GLY B 15 -15.55 0.02 -20.69
C GLY B 15 -16.88 -0.09 -19.95
N ALA B 16 -16.89 -0.77 -18.80
CA ALA B 16 -18.11 -0.92 -18.01
C ALA B 16 -18.31 0.29 -17.08
N SER B 17 -19.16 0.13 -16.07
CA SER B 17 -19.44 1.20 -15.12
C SER B 17 -19.77 0.66 -13.72
N VAL B 18 -19.62 1.51 -12.71
CA VAL B 18 -19.89 1.13 -11.33
C VAL B 18 -20.52 2.24 -10.50
N LYS B 19 -21.45 1.83 -9.64
CA LYS B 19 -22.15 2.73 -8.74
C LYS B 19 -21.75 2.38 -7.30
N VAL B 20 -21.02 3.27 -6.65
CA VAL B 20 -20.58 3.04 -5.27
C VAL B 20 -21.57 3.67 -4.29
N SER B 21 -21.91 2.94 -3.23
CA SER B 21 -22.85 3.44 -2.24
C SER B 21 -22.12 3.89 -0.98
N CYS B 22 -22.69 4.88 -0.31
CA CYS B 22 -22.14 5.44 0.93
C CYS B 22 -23.33 5.89 1.76
N LYS B 23 -23.82 4.99 2.61
CA LYS B 23 -24.97 5.27 3.47
C LYS B 23 -24.53 5.86 4.80
N ALA B 24 -25.06 7.02 5.15
CA ALA B 24 -24.69 7.68 6.40
C ALA B 24 -25.65 7.33 7.54
N SER B 25 -25.17 7.51 8.76
CA SER B 25 -25.97 7.22 9.94
C SER B 25 -25.40 8.02 11.10
N GLY B 26 -26.21 8.20 12.14
CA GLY B 26 -25.76 8.94 13.30
C GLY B 26 -25.92 10.45 13.22
N TYR B 27 -26.48 10.95 12.11
CA TYR B 27 -26.66 12.38 11.95
C TYR B 27 -27.66 12.70 10.86
N THR B 28 -28.09 13.96 10.78
CA THR B 28 -29.06 14.36 9.76
C THR B 28 -28.44 14.49 8.37
N PHE B 29 -28.39 13.37 7.67
CA PHE B 29 -27.82 13.28 6.33
C PHE B 29 -27.95 14.53 5.45
N THR B 30 -29.10 15.19 5.45
CA THR B 30 -29.29 16.38 4.62
C THR B 30 -28.60 17.63 5.15
N SER B 31 -28.11 17.57 6.38
CA SER B 31 -27.46 18.73 7.00
C SER B 31 -26.01 18.97 6.58
N TYR B 32 -25.41 18.01 5.87
CA TYR B 32 -24.03 18.14 5.45
C TYR B 32 -23.78 17.72 4.01
N TRP B 33 -22.74 18.29 3.42
CA TRP B 33 -22.34 17.96 2.05
C TRP B 33 -21.51 16.68 2.08
N MET B 34 -21.47 15.99 0.94
CA MET B 34 -20.69 14.77 0.85
C MET B 34 -19.51 15.00 -0.07
N GLN B 35 -18.34 14.53 0.38
CA GLN B 35 -17.11 14.66 -0.38
C GLN B 35 -16.67 13.30 -0.90
N TRP B 36 -16.19 13.26 -2.14
CA TRP B 36 -15.72 12.03 -2.73
C TRP B 36 -14.26 12.18 -3.11
N VAL B 37 -13.44 11.32 -2.51
CA VAL B 37 -12.01 11.33 -2.77
C VAL B 37 -11.58 9.99 -3.35
N LYS B 38 -10.57 10.04 -4.21
CA LYS B 38 -10.05 8.83 -4.84
C LYS B 38 -8.59 8.65 -4.46
N GLN B 39 -8.19 7.41 -4.22
CA GLN B 39 -6.80 7.13 -3.88
C GLN B 39 -6.28 5.97 -4.71
N ALA B 40 -5.56 6.28 -5.78
CA ALA B 40 -5.00 5.27 -6.65
C ALA B 40 -4.04 4.44 -5.81
N PRO B 41 -3.89 3.14 -6.14
CA PRO B 41 -2.96 2.34 -5.33
C PRO B 41 -1.55 2.94 -5.37
N GLY B 42 -0.97 3.15 -4.19
CA GLY B 42 0.37 3.70 -4.12
C GLY B 42 0.46 5.21 -4.25
N GLN B 43 -0.57 5.83 -4.84
CA GLN B 43 -0.58 7.28 -5.01
C GLN B 43 -1.27 7.95 -3.82
N GLY B 44 -1.48 9.26 -3.92
CA GLY B 44 -2.11 9.97 -2.82
C GLY B 44 -3.60 10.23 -2.98
N LEU B 45 -4.13 11.07 -2.12
CA LEU B 45 -5.55 11.40 -2.15
C LEU B 45 -5.80 12.41 -3.26
N GLU B 46 -6.96 12.29 -3.91
CA GLU B 46 -7.35 13.18 -4.99
C GLU B 46 -8.83 13.50 -4.87
N TRP B 47 -9.16 14.77 -4.75
CA TRP B 47 -10.54 15.19 -4.61
C TRP B 47 -11.27 15.03 -5.94
N MET B 48 -12.43 14.38 -5.91
CA MET B 48 -13.22 14.16 -7.13
C MET B 48 -14.36 15.16 -7.32
N GLY B 49 -15.16 15.35 -6.27
CA GLY B 49 -16.27 16.28 -6.35
C GLY B 49 -17.07 16.35 -5.06
N GLU B 50 -18.13 17.14 -5.06
CA GLU B 50 -18.97 17.31 -3.87
C GLU B 50 -20.44 17.39 -4.22
N ILE B 51 -21.27 17.03 -3.26
CA ILE B 51 -22.70 17.05 -3.47
C ILE B 51 -23.45 17.53 -2.23
N ASP B 52 -24.45 18.37 -2.46
CA ASP B 52 -25.29 18.92 -1.40
C ASP B 52 -26.57 18.08 -1.42
N PRO B 53 -26.66 17.10 -0.52
CA PRO B 53 -27.83 16.22 -0.45
C PRO B 53 -29.21 16.88 -0.26
N SER B 54 -29.26 18.12 0.16
CA SER B 54 -30.55 18.77 0.36
C SER B 54 -31.23 19.18 -0.93
N ASP B 55 -30.50 19.84 -1.82
CA ASP B 55 -31.09 20.25 -3.09
C ASP B 55 -30.42 19.53 -4.26
N SER B 56 -29.47 18.65 -3.95
CA SER B 56 -28.78 17.85 -4.96
C SER B 56 -27.78 18.55 -5.89
N TYR B 57 -27.21 19.67 -5.45
CA TYR B 57 -26.24 20.38 -6.27
C TYR B 57 -24.89 19.67 -6.18
N THR B 58 -24.17 19.62 -7.31
CA THR B 58 -22.87 18.98 -7.32
C THR B 58 -21.80 19.95 -7.84
N ASN B 59 -20.54 19.55 -7.65
CA ASN B 59 -19.42 20.35 -8.10
C ASN B 59 -18.25 19.37 -8.21
N TYR B 60 -17.77 19.15 -9.44
CA TYR B 60 -16.69 18.20 -9.64
C TYR B 60 -15.31 18.77 -9.95
N ASN B 61 -14.29 17.99 -9.63
CA ASN B 61 -12.93 18.39 -9.94
C ASN B 61 -12.95 18.42 -11.46
N GLN B 62 -12.62 19.56 -12.04
CA GLN B 62 -12.63 19.74 -13.48
C GLN B 62 -12.09 18.57 -14.30
N LYS B 63 -11.38 17.64 -13.67
CA LYS B 63 -10.82 16.48 -14.39
C LYS B 63 -11.61 15.18 -14.28
N PHE B 64 -12.59 15.13 -13.39
CA PHE B 64 -13.41 13.94 -13.22
C PHE B 64 -14.82 14.15 -13.76
N LYS B 65 -15.06 15.33 -14.32
CA LYS B 65 -16.36 15.66 -14.88
C LYS B 65 -16.62 14.85 -16.14
N GLY B 66 -17.72 14.11 -16.17
CA GLY B 66 -18.05 13.30 -17.32
C GLY B 66 -17.53 11.89 -17.17
N LYS B 67 -17.14 11.53 -15.97
CA LYS B 67 -16.63 10.20 -15.69
C LYS B 67 -17.33 9.72 -14.43
N ALA B 68 -17.46 10.64 -13.47
CA ALA B 68 -18.12 10.33 -12.22
C ALA B 68 -19.42 11.13 -12.16
N THR B 69 -20.42 10.55 -11.51
CA THR B 69 -21.70 11.23 -11.36
C THR B 69 -22.21 11.05 -9.94
N LEU B 70 -22.47 12.16 -9.28
CA LEU B 70 -22.94 12.13 -7.91
C LEU B 70 -24.44 12.30 -7.76
N THR B 71 -25.03 11.46 -6.93
CA THR B 71 -26.46 11.50 -6.69
C THR B 71 -26.68 11.07 -5.24
N VAL B 72 -27.83 11.43 -4.67
CA VAL B 72 -28.15 11.05 -3.31
C VAL B 72 -29.57 10.52 -3.22
N ASP B 73 -29.84 9.78 -2.15
CA ASP B 73 -31.16 9.22 -1.90
C ASP B 73 -31.52 9.57 -0.46
N THR B 74 -32.15 10.74 -0.27
CA THR B 74 -32.54 11.21 1.05
C THR B 74 -33.42 10.22 1.81
N SER B 75 -34.25 9.49 1.07
CA SER B 75 -35.15 8.50 1.68
C SER B 75 -34.41 7.36 2.37
N THR B 76 -33.22 7.05 1.89
CA THR B 76 -32.42 5.99 2.47
C THR B 76 -31.12 6.54 3.01
N SER B 77 -30.99 7.87 2.95
CA SER B 77 -29.79 8.54 3.45
C SER B 77 -28.54 7.89 2.87
N THR B 78 -28.42 7.91 1.54
CA THR B 78 -27.27 7.30 0.90
C THR B 78 -26.80 8.14 -0.28
N ALA B 79 -25.49 8.28 -0.41
CA ALA B 79 -24.91 9.02 -1.52
C ALA B 79 -24.46 8.00 -2.55
N TYR B 80 -24.39 8.42 -3.80
CA TYR B 80 -24.00 7.53 -4.88
C TYR B 80 -23.06 8.23 -5.86
N MET B 81 -21.96 7.54 -6.19
CA MET B 81 -21.01 8.05 -7.17
C MET B 81 -20.98 7.00 -8.27
N GLU B 82 -21.10 7.44 -9.52
CA GLU B 82 -21.07 6.51 -10.62
C GLU B 82 -19.94 6.83 -11.57
N LEU B 83 -19.08 5.84 -11.79
CA LEU B 83 -17.96 5.96 -12.71
C LEU B 83 -18.41 5.16 -13.92
N SER B 84 -18.13 5.65 -15.12
CA SER B 84 -18.53 4.96 -16.33
C SER B 84 -17.35 4.94 -17.30
N SER B 85 -17.38 4.08 -18.30
CA SER B 85 -16.28 3.98 -19.27
C SER B 85 -15.00 3.74 -18.48
N LEU B 86 -15.04 2.70 -17.65
CA LEU B 86 -13.91 2.35 -16.82
C LEU B 86 -12.69 2.00 -17.65
N ARG B 87 -11.52 2.20 -17.05
CA ARG B 87 -10.26 1.91 -17.70
C ARG B 87 -9.32 1.50 -16.60
N SER B 88 -8.13 1.01 -16.96
CA SER B 88 -7.16 0.57 -15.97
C SER B 88 -6.86 1.68 -14.97
N GLU B 89 -6.77 2.91 -15.48
CA GLU B 89 -6.49 4.08 -14.65
C GLU B 89 -7.45 4.22 -13.48
N ASP B 90 -8.72 3.91 -13.75
CA ASP B 90 -9.77 4.02 -12.74
C ASP B 90 -9.61 3.08 -11.54
N THR B 91 -8.54 2.29 -11.52
CA THR B 91 -8.34 1.39 -10.39
C THR B 91 -7.83 2.19 -9.19
N ALA B 92 -8.63 2.21 -8.13
CA ALA B 92 -8.28 2.94 -6.92
C ALA B 92 -9.31 2.68 -5.84
N VAL B 93 -9.00 3.12 -4.62
CA VAL B 93 -9.94 2.98 -3.51
C VAL B 93 -10.71 4.29 -3.53
N TYR B 94 -12.04 4.21 -3.46
CA TYR B 94 -12.84 5.42 -3.49
C TYR B 94 -13.41 5.72 -2.12
N TYR B 95 -13.19 6.95 -1.67
CA TYR B 95 -13.65 7.38 -0.36
C TYR B 95 -14.73 8.47 -0.43
N CYS B 96 -15.68 8.38 0.49
CA CYS B 96 -16.73 9.35 0.63
C CYS B 96 -16.51 9.83 2.05
N ALA B 97 -16.48 11.14 2.26
CA ALA B 97 -16.26 11.68 3.60
C ALA B 97 -17.23 12.80 3.85
N ARG B 98 -17.65 12.95 5.10
CA ARG B 98 -18.59 13.99 5.49
C ARG B 98 -17.93 15.36 5.50
N ASN B 99 -18.62 16.37 4.97
CA ASN B 99 -18.07 17.72 4.92
C ASN B 99 -18.38 18.53 6.18
N ARG B 100 -17.53 19.50 6.51
CA ARG B 100 -17.71 20.33 7.69
C ARG B 100 -17.16 21.74 7.49
N ASP B 101 -17.87 22.74 8.03
CA ASP B 101 -17.46 24.14 7.87
C ASP B 101 -17.07 24.88 9.15
N TYR B 102 -15.97 25.62 9.07
CA TYR B 102 -15.46 26.42 10.17
C TYR B 102 -14.91 27.71 9.57
N SER B 103 -15.61 28.81 9.80
CA SER B 103 -15.20 30.09 9.25
C SER B 103 -14.79 29.95 7.79
N ASN B 104 -15.75 29.56 6.94
CA ASN B 104 -15.55 29.41 5.50
C ASN B 104 -14.64 28.28 5.05
N ASN B 105 -13.84 27.74 5.97
CA ASN B 105 -12.95 26.64 5.61
C ASN B 105 -13.70 25.32 5.67
N TRP B 106 -13.56 24.50 4.64
CA TRP B 106 -14.23 23.20 4.62
C TRP B 106 -13.22 22.08 4.77
N TYR B 107 -13.45 21.23 5.78
CA TYR B 107 -12.59 20.09 6.07
C TYR B 107 -13.50 18.89 6.22
N PHE B 108 -12.96 17.71 5.96
CA PHE B 108 -13.71 16.45 6.02
C PHE B 108 -13.39 15.68 7.29
N ASP B 109 -14.35 15.63 8.21
CA ASP B 109 -14.13 14.96 9.49
C ASP B 109 -14.42 13.46 9.56
N VAL B 110 -15.48 13.00 8.93
CA VAL B 110 -15.79 11.56 8.98
C VAL B 110 -15.65 10.92 7.61
N TRP B 111 -14.81 9.90 7.55
CA TRP B 111 -14.55 9.19 6.31
C TRP B 111 -15.10 7.77 6.33
N GLY B 112 -15.50 7.31 5.16
CA GLY B 112 -16.00 5.95 5.03
C GLY B 112 -14.78 5.07 4.85
N GLU B 113 -14.92 3.78 5.09
CA GLU B 113 -13.81 2.84 4.97
C GLU B 113 -13.26 2.67 3.54
N GLY B 114 -13.88 3.33 2.57
CA GLY B 114 -13.42 3.22 1.20
C GLY B 114 -13.87 1.98 0.45
N THR B 115 -13.96 2.10 -0.87
CA THR B 115 -14.37 0.98 -1.73
C THR B 115 -13.36 0.75 -2.85
N LEU B 116 -12.81 -0.45 -2.92
CA LEU B 116 -11.86 -0.78 -3.96
C LEU B 116 -12.55 -1.19 -5.26
N VAL B 117 -12.10 -0.60 -6.36
CA VAL B 117 -12.66 -0.91 -7.67
C VAL B 117 -11.48 -1.37 -8.52
N THR B 118 -11.51 -2.62 -8.98
CA THR B 118 -10.44 -3.15 -9.80
C THR B 118 -10.87 -3.33 -11.25
N VAL B 119 -10.25 -2.58 -12.15
CA VAL B 119 -10.57 -2.65 -13.58
C VAL B 119 -9.63 -3.60 -14.32
N SER B 120 -10.07 -4.83 -14.48
CA SER B 120 -9.27 -5.83 -15.19
C SER B 120 -10.15 -6.75 -16.04
N SER B 121 -9.62 -7.25 -17.14
CA SER B 121 -10.31 -8.17 -17.99
C SER B 121 -9.85 -9.58 -17.60
N ALA B 122 -9.07 -9.73 -16.53
CA ALA B 122 -8.66 -11.06 -16.12
C ALA B 122 -9.93 -11.80 -15.75
N SER B 123 -9.78 -13.07 -15.39
CA SER B 123 -10.92 -13.87 -15.01
C SER B 123 -10.68 -14.44 -13.62
N THR B 124 -11.72 -14.50 -12.81
CA THR B 124 -11.61 -15.00 -11.44
C THR B 124 -11.02 -16.40 -11.42
N LYS B 125 -9.70 -16.49 -11.60
CA LYS B 125 -9.00 -17.76 -11.63
C LYS B 125 -8.25 -18.05 -10.33
N GLY B 126 -8.13 -19.34 -10.01
CA GLY B 126 -7.46 -19.76 -8.80
C GLY B 126 -5.94 -19.69 -8.86
N PRO B 127 -5.27 -19.75 -7.68
CA PRO B 127 -3.81 -19.69 -7.57
C PRO B 127 -3.11 -21.03 -7.59
N SER B 128 -1.83 -20.99 -7.93
CA SER B 128 -1.00 -22.19 -7.97
C SER B 128 0.17 -21.94 -7.02
N VAL B 129 0.61 -22.98 -6.32
CA VAL B 129 1.71 -22.83 -5.38
C VAL B 129 2.89 -23.74 -5.69
N PHE B 130 4.03 -23.11 -5.97
CA PHE B 130 5.25 -23.84 -6.28
C PHE B 130 6.28 -23.60 -5.17
N PRO B 131 6.54 -24.64 -4.35
CA PRO B 131 7.48 -24.62 -3.23
C PRO B 131 8.84 -23.97 -3.50
N LEU B 132 9.30 -23.17 -2.53
CA LEU B 132 10.60 -22.50 -2.65
C LEU B 132 11.55 -23.28 -1.73
N ALA B 133 11.93 -24.47 -2.17
CA ALA B 133 12.82 -25.36 -1.43
C ALA B 133 13.97 -24.64 -0.75
N PRO B 134 14.16 -24.90 0.55
CA PRO B 134 15.23 -24.26 1.31
C PRO B 134 16.61 -24.84 1.01
N SER B 135 17.51 -23.98 0.56
CA SER B 135 18.89 -24.37 0.26
C SER B 135 19.09 -25.23 -0.98
N SER B 136 20.26 -25.86 -1.00
CA SER B 136 20.73 -26.75 -2.06
C SER B 136 22.11 -27.09 -1.48
N LYS B 137 22.11 -27.18 -0.16
CA LYS B 137 23.30 -27.46 0.66
C LYS B 137 24.06 -26.15 0.87
N SER B 138 23.48 -25.27 1.69
CA SER B 138 24.09 -23.97 1.98
C SER B 138 24.39 -23.79 3.47
N THR B 139 23.66 -24.54 4.30
CA THR B 139 23.79 -24.51 5.76
C THR B 139 24.66 -23.40 6.33
N SER B 140 25.87 -23.77 6.73
CA SER B 140 26.86 -22.85 7.31
C SER B 140 26.32 -21.49 7.77
N GLY B 141 26.07 -21.37 9.07
CA GLY B 141 25.56 -20.14 9.63
C GLY B 141 24.71 -20.37 10.86
N GLY B 142 23.49 -20.86 10.64
CA GLY B 142 22.59 -21.13 11.75
C GLY B 142 21.13 -21.00 11.36
N THR B 143 20.84 -20.05 10.47
CA THR B 143 19.47 -19.82 10.03
C THR B 143 19.26 -20.18 8.56
N ALA B 144 18.06 -20.67 8.25
CA ALA B 144 17.70 -21.05 6.89
C ALA B 144 16.41 -20.36 6.50
N ALA B 145 16.16 -20.26 5.19
CA ALA B 145 14.95 -19.62 4.69
C ALA B 145 14.25 -20.49 3.66
N LEU B 146 12.93 -20.56 3.76
CA LEU B 146 12.12 -21.35 2.83
C LEU B 146 11.12 -20.41 2.18
N GLY B 147 9.97 -20.94 1.77
CA GLY B 147 8.98 -20.08 1.14
C GLY B 147 8.07 -20.78 0.15
N CYS B 148 6.92 -20.16 -0.10
CA CYS B 148 5.94 -20.68 -1.04
C CYS B 148 5.67 -19.63 -2.10
N LEU B 149 5.49 -20.09 -3.34
CA LEU B 149 5.24 -19.18 -4.44
C LEU B 149 3.82 -19.33 -4.96
N VAL B 150 3.02 -18.28 -4.80
CA VAL B 150 1.65 -18.27 -5.29
C VAL B 150 1.66 -17.56 -6.64
N LYS B 151 1.84 -18.32 -7.70
CA LYS B 151 1.92 -17.76 -9.05
C LYS B 151 0.58 -17.71 -9.78
N ASP B 152 0.31 -16.56 -10.41
CA ASP B 152 -0.91 -16.34 -11.18
C ASP B 152 -2.20 -16.63 -10.43
N TYR B 153 -2.98 -15.59 -10.20
CA TYR B 153 -4.26 -15.69 -9.50
C TYR B 153 -5.02 -14.38 -9.67
N PHE B 154 -6.31 -14.41 -9.38
CA PHE B 154 -7.12 -13.21 -9.54
C PHE B 154 -8.54 -13.44 -9.02
N PRO B 155 -9.09 -12.47 -8.29
CA PRO B 155 -8.44 -11.20 -7.95
C PRO B 155 -7.78 -11.31 -6.59
N GLU B 156 -7.63 -10.19 -5.92
CA GLU B 156 -7.05 -10.16 -4.59
C GLU B 156 -8.20 -10.34 -3.61
N PRO B 157 -7.90 -10.76 -2.37
CA PRO B 157 -6.59 -11.08 -1.82
C PRO B 157 -6.44 -12.59 -1.68
N VAL B 158 -5.32 -13.00 -1.08
CA VAL B 158 -5.05 -14.41 -0.86
C VAL B 158 -4.50 -14.59 0.55
N THR B 159 -4.85 -15.70 1.20
CA THR B 159 -4.36 -15.96 2.55
C THR B 159 -3.21 -16.94 2.51
N VAL B 160 -2.20 -16.71 3.33
CA VAL B 160 -1.06 -17.61 3.37
C VAL B 160 -0.61 -17.89 4.78
N SER B 161 -1.03 -19.03 5.30
CA SER B 161 -0.66 -19.45 6.65
C SER B 161 0.55 -20.36 6.59
N TRP B 162 1.01 -20.81 7.75
CA TRP B 162 2.16 -21.70 7.82
C TRP B 162 2.01 -22.65 9.00
N ASN B 163 2.15 -23.94 8.73
CA ASN B 163 2.00 -24.97 9.76
C ASN B 163 0.70 -24.76 10.51
N SER B 164 -0.32 -24.34 9.76
CA SER B 164 -1.66 -24.10 10.30
C SER B 164 -1.73 -23.16 11.49
N GLY B 165 -1.90 -21.87 11.21
CA GLY B 165 -1.99 -20.86 12.25
C GLY B 165 -1.51 -21.27 13.62
N ALA B 166 -0.18 -21.27 13.79
CA ALA B 166 0.45 -21.64 15.04
C ALA B 166 1.93 -21.40 14.79
N LEU B 167 2.21 -20.86 13.61
CA LEU B 167 3.55 -20.53 13.18
C LEU B 167 3.46 -19.08 12.75
N THR B 168 3.99 -18.18 13.57
CA THR B 168 3.90 -16.76 13.25
C THR B 168 5.24 -16.03 13.17
N SER B 169 6.28 -16.59 13.78
CA SER B 169 7.60 -15.97 13.78
C SER B 169 8.37 -16.13 12.48
N GLY B 170 9.08 -15.07 12.08
CA GLY B 170 9.86 -15.10 10.87
C GLY B 170 9.04 -14.97 9.60
N VAL B 171 7.73 -15.20 9.72
CA VAL B 171 6.83 -15.11 8.57
C VAL B 171 6.99 -13.78 7.83
N HIS B 172 6.99 -13.85 6.51
CA HIS B 172 7.15 -12.65 5.69
C HIS B 172 6.38 -12.75 4.39
N THR B 173 5.08 -12.48 4.46
CA THR B 173 4.23 -12.50 3.29
C THR B 173 4.39 -11.18 2.56
N PHE B 174 4.88 -11.23 1.32
CA PHE B 174 5.10 -10.01 0.54
C PHE B 174 3.86 -9.57 -0.25
N PRO B 175 3.73 -8.25 -0.49
CA PRO B 175 2.56 -7.75 -1.23
C PRO B 175 2.55 -8.30 -2.64
N ALA B 176 1.36 -8.67 -3.12
CA ALA B 176 1.19 -9.23 -4.46
C ALA B 176 1.63 -8.24 -5.54
N VAL B 177 2.06 -8.76 -6.67
CA VAL B 177 2.49 -7.91 -7.77
C VAL B 177 1.73 -8.31 -9.02
N LEU B 178 1.24 -7.33 -9.77
CA LEU B 178 0.50 -7.63 -10.97
C LEU B 178 1.38 -7.82 -12.20
N GLN B 179 1.25 -8.99 -12.84
CA GLN B 179 2.03 -9.30 -14.03
C GLN B 179 1.30 -8.78 -15.27
N SER B 180 2.01 -8.68 -16.38
CA SER B 180 1.40 -8.19 -17.62
C SER B 180 0.32 -9.15 -18.10
N SER B 181 0.34 -10.38 -17.59
CA SER B 181 -0.66 -11.36 -17.95
C SER B 181 -1.99 -10.93 -17.35
N GLY B 182 -1.95 -9.89 -16.55
CA GLY B 182 -3.16 -9.39 -15.91
C GLY B 182 -3.44 -10.16 -14.63
N LEU B 183 -2.63 -11.18 -14.38
CA LEU B 183 -2.79 -12.00 -13.19
C LEU B 183 -1.90 -11.50 -12.06
N TYR B 184 -2.09 -12.07 -10.87
CA TYR B 184 -1.32 -11.67 -9.70
C TYR B 184 -0.25 -12.68 -9.30
N SER B 185 0.59 -12.30 -8.35
CA SER B 185 1.67 -13.15 -7.85
C SER B 185 2.14 -12.67 -6.48
N LEU B 186 2.22 -13.59 -5.53
CA LEU B 186 2.63 -13.27 -4.18
C LEU B 186 3.57 -14.35 -3.67
N SER B 187 4.28 -14.04 -2.58
CA SER B 187 5.20 -15.00 -2.00
C SER B 187 5.12 -14.91 -0.48
N SER B 188 5.38 -16.03 0.18
CA SER B 188 5.34 -16.08 1.63
C SER B 188 6.55 -16.87 2.12
N VAL B 189 7.28 -16.32 3.09
CA VAL B 189 8.47 -16.98 3.62
C VAL B 189 8.42 -17.17 5.14
N VAL B 190 9.19 -18.12 5.64
CA VAL B 190 9.26 -18.40 7.06
C VAL B 190 10.70 -18.75 7.43
N THR B 191 11.39 -17.79 8.03
CA THR B 191 12.78 -17.99 8.44
C THR B 191 12.82 -19.03 9.56
N VAL B 192 13.69 -20.02 9.40
CA VAL B 192 13.81 -21.09 10.39
C VAL B 192 15.24 -21.61 10.54
N PRO B 193 15.67 -21.86 11.80
CA PRO B 193 17.02 -22.37 12.06
C PRO B 193 17.26 -23.67 11.30
N SER B 194 18.41 -23.78 10.65
CA SER B 194 18.78 -24.95 9.88
C SER B 194 18.71 -26.26 10.68
N SER B 195 18.99 -26.18 11.97
CA SER B 195 18.98 -27.35 12.83
C SER B 195 17.60 -27.98 12.97
N SER B 196 16.57 -27.24 12.57
CA SER B 196 15.19 -27.73 12.66
C SER B 196 14.70 -28.18 11.28
N LEU B 197 15.34 -27.67 10.25
CA LEU B 197 14.98 -27.99 8.88
C LEU B 197 14.67 -29.46 8.68
N GLY B 198 15.49 -30.31 9.29
CA GLY B 198 15.29 -31.74 9.14
C GLY B 198 14.33 -32.36 10.14
N THR B 199 14.07 -31.66 11.23
CA THR B 199 13.19 -32.18 12.27
C THR B 199 11.80 -31.53 12.27
N GLN B 200 11.55 -30.63 11.32
CA GLN B 200 10.27 -29.94 11.25
C GLN B 200 9.59 -30.01 9.88
N THR B 201 8.28 -30.24 9.89
CA THR B 201 7.50 -30.32 8.66
C THR B 201 6.73 -29.01 8.44
N TYR B 202 7.23 -28.18 7.54
CA TYR B 202 6.62 -26.89 7.24
C TYR B 202 5.60 -26.97 6.10
N ILE B 203 4.41 -26.44 6.35
CA ILE B 203 3.33 -26.45 5.37
C ILE B 203 2.65 -25.09 5.26
N CYS B 204 2.78 -24.44 4.11
CA CYS B 204 2.17 -23.14 3.89
C CYS B 204 0.73 -23.31 3.42
N ASN B 205 -0.21 -22.75 4.17
CA ASN B 205 -1.62 -22.86 3.82
C ASN B 205 -2.11 -21.65 3.03
N VAL B 206 -2.59 -21.90 1.81
CA VAL B 206 -3.10 -20.84 0.96
C VAL B 206 -4.62 -20.91 0.89
N ASN B 207 -5.27 -19.76 0.93
CA ASN B 207 -6.73 -19.70 0.91
C ASN B 207 -7.27 -18.54 0.06
N HIS B 208 -7.59 -18.84 -1.19
CA HIS B 208 -8.13 -17.84 -2.12
C HIS B 208 -9.65 -18.01 -2.17
N LYS B 209 -10.35 -17.06 -1.57
CA LYS B 209 -11.81 -17.08 -1.52
C LYS B 209 -12.52 -16.97 -2.87
N PRO B 210 -12.10 -16.01 -3.71
CA PRO B 210 -12.74 -15.84 -5.02
C PRO B 210 -12.92 -17.14 -5.81
N SER B 211 -11.87 -17.94 -5.91
CA SER B 211 -11.94 -19.19 -6.65
C SER B 211 -12.03 -20.39 -5.72
N ASN B 212 -12.17 -20.12 -4.43
CA ASN B 212 -12.25 -21.20 -3.44
C ASN B 212 -11.09 -22.17 -3.65
N THR B 213 -9.87 -21.69 -3.45
CA THR B 213 -8.70 -22.52 -3.63
C THR B 213 -7.86 -22.65 -2.36
N LYS B 214 -7.98 -23.80 -1.69
CA LYS B 214 -7.22 -24.05 -0.47
C LYS B 214 -6.15 -25.06 -0.80
N VAL B 215 -4.90 -24.62 -0.83
CA VAL B 215 -3.80 -25.51 -1.15
C VAL B 215 -2.78 -25.63 -0.03
N ASP B 216 -2.41 -26.87 0.28
CA ASP B 216 -1.46 -27.14 1.34
C ASP B 216 -0.21 -27.77 0.75
N LYS B 217 0.89 -27.03 0.78
CA LYS B 217 2.16 -27.51 0.25
C LYS B 217 3.15 -27.74 1.38
N LYS B 218 3.95 -28.79 1.26
CA LYS B 218 4.94 -29.09 2.28
C LYS B 218 6.36 -28.79 1.80
N VAL B 219 6.90 -27.67 2.26
CA VAL B 219 8.25 -27.27 1.87
C VAL B 219 9.27 -27.94 2.78
#